data_4U43
#
_entry.id   4U43
#
_cell.length_a   75.492
_cell.length_b   80.643
_cell.length_c   102.335
_cell.angle_alpha   90.000
_cell.angle_beta   90.000
_cell.angle_gamma   90.000
#
_symmetry.space_group_name_H-M   'P 21 21 21'
#
loop_
_entity.id
_entity.type
_entity.pdbx_description
1 polymer 'Mitogen-activated protein kinase kinase kinase kinase 4'
2 non-polymer N-(pyridin-3-yl)pyrrolo[2,1-f][1,2,4]triazin-4-amine
3 water water
#
_entity_poly.entity_id   1
_entity_poly.type   'polypeptide(L)'
_entity_poly.pdbx_seq_one_letter_code
;GSANDSPAKSLVDIDLSSLRDPAGIFELVEVVGNGTYGQVYKGRHVKTGQLAAIKVMDVTEDEEEEIKLEINMLKKYSHH
RNIATYYGAFIKKSPPGHDDQLWLVMEFCGAGSITDLVKNTKGNTLKEDWIAYISREILRGLAHLHIHHVIHRDIKGQNV
LLTENAEVKLVDFGVSAQLDRTVGRRNTFIGTPYWMAPEVIACDENPDATYDYRSDLWSCGITAIEMAEGAPPLCDMHPM
RALFLIPRNPPPRLKSKKWSKKFFSFIEGCLVKNYMQRPSTEQLLKHPFIRDQPNERQVRIQLKDHIDRTRKKRGEKDET
EYEYSGSEEGNS
;
_entity_poly.pdbx_strand_id   A,B
#
loop_
_chem_comp.id
_chem_comp.type
_chem_comp.name
_chem_comp.formula
3D8 non-polymer N-(pyridin-3-yl)pyrrolo[2,1-f][1,2,4]triazin-4-amine 'C11 H9 N5'
#
# COMPACT_ATOMS: atom_id res chain seq x y z
N ASP A 15 -13.22 -20.97 15.42
CA ASP A 15 -12.66 -21.43 14.14
C ASP A 15 -13.05 -20.54 12.97
N LEU A 16 -12.13 -20.39 12.00
CA LEU A 16 -12.31 -19.56 10.80
C LEU A 16 -13.38 -20.12 9.85
N SER A 17 -13.60 -21.45 9.88
CA SER A 17 -14.60 -22.15 9.07
C SER A 17 -16.04 -21.84 9.50
N SER A 18 -16.24 -21.46 10.78
CA SER A 18 -17.53 -21.08 11.38
C SER A 18 -18.11 -19.78 10.80
N LEU A 19 -17.23 -18.92 10.22
CA LEU A 19 -17.60 -17.65 9.61
C LEU A 19 -18.47 -17.84 8.39
N ARG A 20 -19.68 -17.26 8.43
CA ARG A 20 -20.71 -17.35 7.41
C ARG A 20 -20.51 -16.37 6.26
N ASP A 21 -21.33 -16.51 5.19
CA ASP A 21 -21.32 -15.68 4.00
C ASP A 21 -22.14 -14.42 4.32
N PRO A 22 -21.73 -13.22 3.87
CA PRO A 22 -22.52 -12.02 4.19
C PRO A 22 -23.76 -11.76 3.32
N ALA A 23 -23.99 -12.59 2.26
CA ALA A 23 -25.15 -12.47 1.34
C ALA A 23 -26.48 -12.43 2.10
N GLY A 24 -27.27 -11.38 1.87
CA GLY A 24 -28.55 -11.18 2.55
C GLY A 24 -28.43 -10.62 3.96
N ILE A 25 -27.19 -10.35 4.43
CA ILE A 25 -26.90 -9.81 5.75
C ILE A 25 -26.28 -8.42 5.61
N PHE A 26 -25.17 -8.28 4.90
CA PHE A 26 -24.59 -6.97 4.64
C PHE A 26 -24.36 -6.71 3.18
N GLU A 27 -24.58 -5.45 2.77
CA GLU A 27 -24.30 -4.93 1.43
C GLU A 27 -23.29 -3.78 1.54
N LEU A 28 -22.29 -3.72 0.64
CA LEU A 28 -21.28 -2.66 0.60
C LEU A 28 -21.85 -1.48 -0.18
N VAL A 29 -21.85 -0.30 0.43
CA VAL A 29 -22.43 0.89 -0.20
C VAL A 29 -21.39 1.73 -0.91
N GLU A 30 -20.40 2.23 -0.17
CA GLU A 30 -19.35 3.09 -0.71
C GLU A 30 -18.05 2.98 0.10
N VAL A 31 -16.91 3.32 -0.54
CA VAL A 31 -15.58 3.32 0.06
C VAL A 31 -15.53 4.52 1.00
N VAL A 32 -15.20 4.25 2.27
CA VAL A 32 -15.09 5.28 3.31
C VAL A 32 -13.67 5.50 3.78
N GLY A 33 -12.89 4.42 3.84
CA GLY A 33 -11.50 4.48 4.26
C GLY A 33 -10.64 3.37 3.70
N ASN A 34 -9.45 3.18 4.30
CA ASN A 34 -8.49 2.13 3.95
C ASN A 34 -7.54 1.84 5.10
N GLY A 35 -7.71 0.65 5.68
CA GLY A 35 -6.88 0.18 6.79
C GLY A 35 -5.77 -0.72 6.29
N THR A 36 -5.48 -0.63 4.95
CA THR A 36 -4.51 -1.38 4.13
C THR A 36 -3.54 -2.30 4.91
N TYR A 37 -3.68 -3.64 4.84
CA TYR A 37 -4.54 -4.52 4.00
C TYR A 37 -6.01 -4.15 3.72
N GLY A 38 -6.37 -4.20 2.43
CA GLY A 38 -7.72 -3.99 1.90
C GLY A 38 -8.41 -2.66 2.11
N GLN A 39 -9.71 -2.59 1.72
CA GLN A 39 -10.54 -1.40 1.78
C GLN A 39 -11.59 -1.37 2.89
N VAL A 40 -12.07 -0.17 3.23
CA VAL A 40 -13.07 0.05 4.27
C VAL A 40 -14.32 0.59 3.59
N TYR A 41 -15.46 -0.03 3.86
CA TYR A 41 -16.73 0.32 3.26
C TYR A 41 -17.80 0.70 4.27
N LYS A 42 -18.66 1.64 3.89
CA LYS A 42 -19.86 1.92 4.65
C LYS A 42 -20.76 0.77 4.18
N GLY A 43 -21.14 -0.07 5.12
CA GLY A 43 -21.98 -1.22 4.90
C GLY A 43 -23.37 -1.03 5.46
N ARG A 44 -24.40 -1.49 4.72
CA ARG A 44 -25.79 -1.37 5.17
C ARG A 44 -26.32 -2.74 5.50
N HIS A 45 -26.71 -3.00 6.78
CA HIS A 45 -27.29 -4.27 7.22
C HIS A 45 -28.57 -4.46 6.43
N VAL A 46 -28.62 -5.50 5.60
CA VAL A 46 -29.74 -5.77 4.68
C VAL A 46 -31.12 -5.86 5.41
N LYS A 47 -31.16 -6.64 6.50
CA LYS A 47 -32.37 -6.88 7.28
C LYS A 47 -32.89 -5.69 8.13
N THR A 48 -31.99 -4.86 8.67
CA THR A 48 -32.40 -3.77 9.54
C THR A 48 -32.22 -2.35 8.96
N GLY A 49 -31.39 -2.22 7.94
CA GLY A 49 -31.05 -0.93 7.33
C GLY A 49 -29.97 -0.18 8.09
N GLN A 50 -29.47 -0.76 9.19
CA GLN A 50 -28.46 -0.13 10.04
C GLN A 50 -27.05 -0.12 9.42
N LEU A 51 -26.32 1.01 9.62
CA LEU A 51 -24.98 1.22 9.07
C LEU A 51 -23.85 0.60 9.89
N ALA A 52 -22.82 0.14 9.18
CA ALA A 52 -21.62 -0.47 9.75
C ALA A 52 -20.41 -0.16 8.85
N ALA A 53 -19.20 -0.21 9.42
CA ALA A 53 -17.98 -0.02 8.64
C ALA A 53 -17.46 -1.41 8.37
N ILE A 54 -17.18 -1.72 7.09
CA ILE A 54 -16.69 -3.05 6.74
C ILE A 54 -15.28 -3.00 6.17
N LYS A 55 -14.33 -3.56 6.89
CA LYS A 55 -12.94 -3.65 6.45
C LYS A 55 -12.86 -4.96 5.64
N VAL A 56 -12.78 -4.84 4.31
CA VAL A 56 -12.72 -5.99 3.39
C VAL A 56 -11.28 -6.32 3.03
N MET A 57 -10.89 -7.59 3.18
CA MET A 57 -9.54 -8.04 2.85
C MET A 57 -9.51 -9.46 2.29
N ASP A 58 -8.65 -9.68 1.30
CA ASP A 58 -8.47 -11.00 0.70
C ASP A 58 -7.76 -11.89 1.70
N VAL A 59 -8.33 -13.06 1.97
CA VAL A 59 -7.71 -14.01 2.89
C VAL A 59 -6.84 -14.99 2.10
N THR A 60 -5.52 -14.72 2.10
CA THR A 60 -4.47 -15.49 1.42
C THR A 60 -4.42 -16.91 2.03
N GLU A 61 -4.39 -17.00 3.39
CA GLU A 61 -4.43 -18.21 4.20
C GLU A 61 -3.39 -19.33 3.80
N ASP A 62 -2.05 -19.17 4.05
CA ASP A 62 -1.26 -18.07 4.64
C ASP A 62 -1.73 -17.48 5.99
N GLU A 63 -2.35 -16.28 5.93
CA GLU A 63 -2.88 -15.45 7.04
C GLU A 63 -3.26 -16.25 8.28
N GLU A 64 -4.38 -17.03 8.21
CA GLU A 64 -4.95 -17.89 9.27
C GLU A 64 -4.78 -17.33 10.69
N GLU A 65 -3.55 -17.44 11.27
CA GLU A 65 -3.17 -16.94 12.59
C GLU A 65 -3.22 -15.41 12.65
N GLU A 66 -2.80 -14.73 11.55
CA GLU A 66 -2.76 -13.28 11.38
C GLU A 66 -4.13 -12.62 11.62
N ILE A 67 -5.17 -13.06 10.89
CA ILE A 67 -6.52 -12.53 11.07
C ILE A 67 -7.17 -13.04 12.36
N LYS A 68 -6.83 -14.28 12.78
CA LYS A 68 -7.34 -14.90 14.01
C LYS A 68 -6.95 -14.04 15.23
N LEU A 69 -5.70 -13.53 15.24
CA LEU A 69 -5.21 -12.65 16.31
C LEU A 69 -5.68 -11.21 16.17
N GLU A 70 -6.05 -10.77 14.94
CA GLU A 70 -6.59 -9.43 14.68
C GLU A 70 -8.03 -9.41 15.25
N ILE A 71 -8.86 -10.42 14.88
CA ILE A 71 -10.23 -10.62 15.35
C ILE A 71 -10.22 -10.79 16.88
N ASN A 72 -9.25 -11.57 17.42
CA ASN A 72 -9.08 -11.79 18.86
C ASN A 72 -8.88 -10.47 19.61
N MET A 73 -7.96 -9.61 19.11
CA MET A 73 -7.70 -8.30 19.71
C MET A 73 -8.79 -7.26 19.40
N LEU A 74 -9.57 -7.47 18.32
CA LEU A 74 -10.69 -6.59 17.98
C LEU A 74 -11.80 -6.80 19.01
N LYS A 75 -12.20 -8.07 19.26
CA LYS A 75 -13.24 -8.37 20.24
C LYS A 75 -12.80 -8.11 21.70
N LYS A 76 -11.51 -8.31 22.00
CA LYS A 76 -10.93 -8.13 23.33
C LYS A 76 -10.81 -6.68 23.78
N TYR A 77 -10.41 -5.77 22.86
CA TYR A 77 -10.12 -4.36 23.18
C TYR A 77 -11.06 -3.27 22.62
N SER A 78 -12.09 -3.66 21.84
CA SER A 78 -13.07 -2.72 21.26
C SER A 78 -14.04 -2.14 22.29
N HIS A 79 -14.02 -2.69 23.52
CA HIS A 79 -14.92 -2.28 24.60
C HIS A 79 -14.37 -1.23 25.55
N HIS A 80 -14.29 -0.02 25.01
CA HIS A 80 -13.95 1.26 25.61
C HIS A 80 -14.64 2.30 24.73
N ARG A 81 -15.23 3.33 25.36
CA ARG A 81 -15.95 4.42 24.67
C ARG A 81 -15.12 5.18 23.60
N ASN A 82 -13.78 5.07 23.63
CA ASN A 82 -12.90 5.77 22.69
C ASN A 82 -12.29 4.88 21.61
N ILE A 83 -12.81 3.67 21.47
CA ILE A 83 -12.39 2.71 20.46
C ILE A 83 -13.66 2.20 19.73
N ALA A 84 -13.74 2.30 18.37
CA ALA A 84 -14.93 1.84 17.62
C ALA A 84 -15.14 0.35 17.84
N THR A 85 -16.35 -0.03 18.26
CA THR A 85 -16.71 -1.40 18.63
C THR A 85 -16.83 -2.38 17.48
N TYR A 86 -16.25 -3.57 17.70
CA TYR A 86 -16.25 -4.71 16.79
C TYR A 86 -17.58 -5.49 16.91
N TYR A 87 -18.26 -5.66 15.78
CA TYR A 87 -19.54 -6.36 15.70
C TYR A 87 -19.34 -7.85 15.44
N GLY A 88 -18.68 -8.16 14.32
CA GLY A 88 -18.40 -9.54 13.91
C GLY A 88 -17.67 -9.64 12.59
N ALA A 89 -17.48 -10.89 12.11
CA ALA A 89 -16.80 -11.17 10.86
C ALA A 89 -17.54 -12.16 9.94
N PHE A 90 -17.32 -12.01 8.61
CA PHE A 90 -17.89 -12.82 7.53
C PHE A 90 -16.81 -13.17 6.51
N ILE A 91 -16.99 -14.30 5.79
CA ILE A 91 -16.10 -14.73 4.71
C ILE A 91 -16.92 -14.79 3.43
N LYS A 92 -16.58 -13.96 2.45
CA LYS A 92 -17.28 -13.99 1.18
C LYS A 92 -16.51 -14.98 0.35
N LYS A 93 -17.05 -16.21 0.19
CA LYS A 93 -16.39 -17.27 -0.59
C LYS A 93 -16.27 -16.79 -2.04
N SER A 94 -15.05 -16.83 -2.58
CA SER A 94 -14.79 -16.35 -3.93
C SER A 94 -14.69 -17.53 -4.92
N PRO A 95 -15.06 -17.35 -6.21
CA PRO A 95 -14.93 -18.45 -7.18
C PRO A 95 -13.46 -18.85 -7.41
N PRO A 96 -13.15 -20.11 -7.83
CA PRO A 96 -11.73 -20.50 -8.03
C PRO A 96 -10.87 -19.56 -8.88
N GLY A 97 -9.64 -19.36 -8.45
CA GLY A 97 -8.67 -18.47 -9.09
C GLY A 97 -8.51 -17.14 -8.37
N HIS A 98 -9.30 -16.94 -7.30
CA HIS A 98 -9.32 -15.74 -6.45
C HIS A 98 -9.45 -16.10 -4.98
N ASP A 99 -8.78 -15.32 -4.13
CA ASP A 99 -8.82 -15.50 -2.67
C ASP A 99 -10.17 -15.06 -2.12
N ASP A 100 -10.63 -15.74 -1.05
CA ASP A 100 -11.86 -15.40 -0.34
C ASP A 100 -11.68 -14.05 0.34
N GLN A 101 -12.78 -13.38 0.62
CA GLN A 101 -12.70 -12.08 1.27
C GLN A 101 -13.13 -12.13 2.72
N LEU A 102 -12.33 -11.56 3.61
CA LEU A 102 -12.69 -11.44 5.03
C LEU A 102 -13.40 -10.09 5.19
N TRP A 103 -14.55 -10.10 5.87
CA TRP A 103 -15.29 -8.88 6.17
C TRP A 103 -15.32 -8.70 7.66
N LEU A 104 -14.66 -7.63 8.15
CA LEU A 104 -14.67 -7.26 9.56
C LEU A 104 -15.69 -6.14 9.67
N VAL A 105 -16.75 -6.39 10.44
CA VAL A 105 -17.86 -5.45 10.64
C VAL A 105 -17.63 -4.68 11.94
N MET A 106 -17.53 -3.36 11.82
CA MET A 106 -17.26 -2.44 12.92
C MET A 106 -18.33 -1.37 12.99
N GLU A 107 -18.34 -0.62 14.10
CA GLU A 107 -19.20 0.52 14.34
C GLU A 107 -18.98 1.58 13.26
N PHE A 108 -20.06 2.04 12.61
CA PHE A 108 -19.94 3.09 11.60
C PHE A 108 -19.86 4.46 12.29
N CYS A 109 -18.74 5.19 12.12
CA CYS A 109 -18.63 6.51 12.74
C CYS A 109 -19.05 7.56 11.72
N GLY A 110 -20.34 7.87 11.80
CA GLY A 110 -21.10 8.74 10.91
C GLY A 110 -20.50 10.06 10.49
N ALA A 111 -19.81 10.75 11.42
CA ALA A 111 -19.22 12.05 11.10
C ALA A 111 -17.87 11.99 10.34
N GLY A 112 -17.34 10.80 10.11
CA GLY A 112 -16.10 10.61 9.38
C GLY A 112 -14.86 10.83 10.23
N SER A 113 -13.69 10.88 9.56
CA SER A 113 -12.40 11.04 10.22
C SER A 113 -12.11 12.47 10.61
N ILE A 114 -11.14 12.68 11.53
CA ILE A 114 -10.80 14.05 11.83
C ILE A 114 -10.09 14.75 10.64
N THR A 115 -9.42 13.97 9.75
CA THR A 115 -8.78 14.47 8.53
C THR A 115 -9.86 15.10 7.61
N ASP A 116 -11.00 14.37 7.40
CA ASP A 116 -12.10 14.87 6.58
C ASP A 116 -12.66 16.13 7.23
N LEU A 117 -12.91 16.10 8.56
CA LEU A 117 -13.41 17.24 9.34
C LEU A 117 -12.59 18.50 9.08
N VAL A 118 -11.26 18.41 9.22
CA VAL A 118 -10.38 19.56 8.99
C VAL A 118 -10.37 20.02 7.50
N LYS A 119 -10.35 19.07 6.54
CA LYS A 119 -10.39 19.35 5.09
C LYS A 119 -11.72 20.06 4.71
N ASN A 120 -12.83 19.73 5.42
CA ASN A 120 -14.17 20.34 5.23
C ASN A 120 -14.33 21.67 5.99
N THR A 121 -13.45 21.94 6.96
CA THR A 121 -13.47 23.18 7.73
C THR A 121 -12.80 24.29 6.91
N LYS A 122 -13.37 25.51 7.00
CA LYS A 122 -12.87 26.72 6.33
C LYS A 122 -11.51 27.13 6.93
N GLY A 123 -10.54 27.22 6.04
CA GLY A 123 -9.15 27.56 6.39
C GLY A 123 -8.30 26.37 6.79
N ASN A 124 -8.88 25.13 6.76
CA ASN A 124 -8.26 23.84 7.12
C ASN A 124 -7.58 23.91 8.48
N THR A 125 -8.31 24.44 9.46
CA THR A 125 -7.87 24.64 10.83
C THR A 125 -9.04 24.48 11.77
N LEU A 126 -8.88 23.69 12.83
CA LEU A 126 -9.92 23.49 13.83
C LEU A 126 -9.61 24.43 15.01
N LYS A 127 -10.67 24.88 15.71
CA LYS A 127 -10.53 25.74 16.90
C LYS A 127 -9.77 24.98 17.96
N GLU A 128 -8.94 25.70 18.70
CA GLU A 128 -8.10 25.15 19.74
C GLU A 128 -8.83 24.28 20.76
N ASP A 129 -10.00 24.72 21.27
CA ASP A 129 -10.74 23.90 22.25
C ASP A 129 -11.28 22.58 21.65
N TRP A 130 -11.44 22.51 20.32
CA TRP A 130 -11.85 21.28 19.61
C TRP A 130 -10.64 20.33 19.61
N ILE A 131 -9.43 20.89 19.34
CA ILE A 131 -8.17 20.12 19.32
C ILE A 131 -7.92 19.51 20.70
N ALA A 132 -8.12 20.31 21.76
CA ALA A 132 -7.95 19.83 23.15
C ALA A 132 -8.91 18.70 23.46
N TYR A 133 -10.19 18.83 23.03
CA TYR A 133 -11.20 17.79 23.28
C TYR A 133 -10.83 16.51 22.53
N ILE A 134 -10.55 16.63 21.22
CA ILE A 134 -10.21 15.45 20.41
C ILE A 134 -8.94 14.78 20.94
N SER A 135 -7.88 15.57 21.22
CA SER A 135 -6.62 15.05 21.73
C SER A 135 -6.79 14.29 23.03
N ARG A 136 -7.62 14.79 23.95
CA ARG A 136 -7.90 14.09 25.22
C ARG A 136 -8.56 12.72 24.98
N GLU A 137 -9.56 12.65 24.06
CA GLU A 137 -10.26 11.39 23.76
C GLU A 137 -9.30 10.37 23.12
N ILE A 138 -8.40 10.85 22.24
CA ILE A 138 -7.37 9.99 21.64
C ILE A 138 -6.52 9.41 22.76
N LEU A 139 -6.05 10.28 23.69
CA LEU A 139 -5.21 9.89 24.81
C LEU A 139 -5.91 8.89 25.75
N ARG A 140 -7.23 9.05 25.97
CA ARG A 140 -8.03 8.12 26.78
C ARG A 140 -8.15 6.76 26.06
N GLY A 141 -8.31 6.78 24.73
CA GLY A 141 -8.36 5.57 23.92
C GLY A 141 -7.03 4.84 24.00
N LEU A 142 -5.93 5.61 23.86
CA LEU A 142 -4.57 5.06 23.97
C LEU A 142 -4.28 4.52 25.37
N ALA A 143 -4.71 5.22 26.42
CA ALA A 143 -4.49 4.79 27.81
C ALA A 143 -5.12 3.40 28.03
N HIS A 144 -6.31 3.15 27.44
CA HIS A 144 -7.00 1.87 27.50
C HIS A 144 -6.19 0.78 26.82
N LEU A 145 -5.67 1.06 25.60
CA LEU A 145 -4.87 0.08 24.85
C LEU A 145 -3.58 -0.21 25.59
N HIS A 146 -2.90 0.84 26.08
CA HIS A 146 -1.59 0.74 26.76
C HIS A 146 -1.64 -0.10 28.05
N ILE A 147 -2.70 0.08 28.88
CA ILE A 147 -2.90 -0.70 30.11
C ILE A 147 -3.10 -2.21 29.80
N HIS A 148 -3.64 -2.51 28.59
CA HIS A 148 -3.85 -3.88 28.09
C HIS A 148 -2.66 -4.36 27.25
N HIS A 149 -1.52 -3.64 27.38
CA HIS A 149 -0.24 -3.93 26.71
C HIS A 149 -0.31 -3.96 25.19
N VAL A 150 -1.16 -3.07 24.63
CA VAL A 150 -1.36 -2.94 23.20
C VAL A 150 -0.88 -1.56 22.75
N ILE A 151 -0.05 -1.51 21.69
CA ILE A 151 0.41 -0.28 21.06
C ILE A 151 -0.48 -0.13 19.81
N HIS A 152 -1.06 1.06 19.57
CA HIS A 152 -1.90 1.24 18.39
C HIS A 152 -1.07 1.07 17.12
N ARG A 153 0.06 1.80 17.01
CA ARG A 153 1.04 1.78 15.90
C ARG A 153 0.66 2.62 14.67
N ASP A 154 -0.58 3.12 14.60
CA ASP A 154 -1.00 3.86 13.43
C ASP A 154 -1.96 5.00 13.74
N ILE A 155 -1.65 5.78 14.80
CA ILE A 155 -2.44 6.94 15.18
C ILE A 155 -2.18 8.03 14.14
N LYS A 156 -3.26 8.57 13.57
CA LYS A 156 -3.29 9.61 12.52
C LYS A 156 -4.73 10.04 12.35
N GLY A 157 -4.96 11.19 11.72
CA GLY A 157 -6.30 11.73 11.50
C GLY A 157 -7.26 10.78 10.84
N GLN A 158 -6.78 9.93 9.93
CA GLN A 158 -7.58 8.93 9.20
C GLN A 158 -8.04 7.78 10.11
N ASN A 159 -7.35 7.55 11.25
CA ASN A 159 -7.69 6.49 12.20
C ASN A 159 -8.38 6.99 13.46
N VAL A 160 -8.79 8.28 13.46
CA VAL A 160 -9.49 8.92 14.58
C VAL A 160 -10.82 9.38 14.03
N LEU A 161 -11.87 8.75 14.49
CA LEU A 161 -13.19 9.03 13.92
C LEU A 161 -14.12 9.70 14.88
N LEU A 162 -15.14 10.36 14.32
CA LEU A 162 -16.20 11.01 15.04
C LEU A 162 -17.54 10.33 14.73
N THR A 163 -18.30 10.00 15.78
CA THR A 163 -19.65 9.47 15.62
C THR A 163 -20.55 10.70 15.39
N GLU A 164 -21.83 10.47 15.12
CA GLU A 164 -22.79 11.53 14.90
C GLU A 164 -22.95 12.39 16.17
N ASN A 165 -22.82 11.77 17.36
CA ASN A 165 -22.91 12.48 18.65
C ASN A 165 -21.58 13.13 19.07
N ALA A 166 -20.63 13.28 18.12
CA ALA A 166 -19.28 13.85 18.31
C ALA A 166 -18.43 13.07 19.33
N GLU A 167 -18.64 11.74 19.42
CA GLU A 167 -17.83 10.86 20.25
C GLU A 167 -16.59 10.55 19.44
N VAL A 168 -15.43 10.49 20.09
CA VAL A 168 -14.16 10.24 19.41
C VAL A 168 -13.77 8.77 19.55
N LYS A 169 -13.55 8.08 18.41
CA LYS A 169 -13.21 6.65 18.41
C LYS A 169 -11.98 6.32 17.57
N LEU A 170 -11.13 5.45 18.12
CA LEU A 170 -9.93 5.00 17.43
C LEU A 170 -10.24 3.75 16.62
N VAL A 171 -9.65 3.63 15.41
CA VAL A 171 -9.78 2.46 14.53
C VAL A 171 -8.40 1.93 14.11
N ASP A 172 -8.36 0.72 13.51
CA ASP A 172 -7.17 0.04 12.97
C ASP A 172 -5.99 -0.10 13.93
N PHE A 173 -6.24 -0.62 15.15
CA PHE A 173 -5.20 -0.78 16.19
C PHE A 173 -4.47 -2.13 16.14
N GLY A 174 -3.28 -2.16 16.76
CA GLY A 174 -2.41 -3.32 16.87
C GLY A 174 -1.89 -3.92 15.57
N VAL A 175 -1.87 -3.12 14.46
CA VAL A 175 -1.40 -3.54 13.14
C VAL A 175 -0.54 -2.48 12.44
N ASN A 187 2.18 -8.14 6.15
CA ASN A 187 2.94 -7.06 6.79
C ASN A 187 4.40 -6.94 6.27
N THR A 188 4.54 -6.92 4.93
CA THR A 188 5.81 -6.80 4.21
C THR A 188 5.95 -5.39 3.56
N PHE A 189 5.00 -4.49 3.86
CA PHE A 189 5.04 -3.13 3.33
C PHE A 189 5.02 -2.08 4.44
N ILE A 190 5.52 -0.88 4.13
CA ILE A 190 5.58 0.24 5.06
C ILE A 190 4.43 1.18 4.67
N GLY A 191 3.61 1.58 5.62
CA GLY A 191 2.52 2.50 5.33
C GLY A 191 3.02 3.91 5.10
N THR A 192 2.16 4.90 5.39
CA THR A 192 2.55 6.30 5.24
C THR A 192 3.46 6.67 6.43
N PRO A 193 4.51 7.48 6.21
CA PRO A 193 5.44 7.74 7.31
C PRO A 193 5.24 9.01 8.14
N TYR A 194 4.36 9.95 7.71
CA TYR A 194 4.24 11.27 8.36
C TYR A 194 3.96 11.35 9.84
N TRP A 195 3.29 10.34 10.37
CA TRP A 195 2.93 10.31 11.78
C TRP A 195 3.89 9.43 12.59
N MET A 196 4.91 8.87 11.93
CA MET A 196 5.87 7.98 12.59
C MET A 196 6.84 8.71 13.52
N ALA A 197 7.02 8.13 14.71
CA ALA A 197 7.94 8.62 15.73
C ALA A 197 9.37 8.27 15.30
N PRO A 198 10.41 9.04 15.71
CA PRO A 198 11.78 8.69 15.31
C PRO A 198 12.22 7.26 15.61
N GLU A 199 11.81 6.68 16.76
CA GLU A 199 12.20 5.31 17.14
C GLU A 199 11.64 4.21 16.22
N VAL A 200 10.56 4.48 15.48
CA VAL A 200 10.02 3.45 14.58
C VAL A 200 10.76 3.42 13.21
N ILE A 201 11.66 4.39 12.98
CA ILE A 201 12.44 4.53 11.74
C ILE A 201 13.88 4.12 12.02
N ALA A 202 14.39 3.11 11.30
CA ALA A 202 15.74 2.62 11.49
C ALA A 202 16.80 3.52 10.88
N CYS A 203 17.89 3.73 11.62
CA CYS A 203 19.05 4.54 11.23
C CYS A 203 20.28 4.07 12.03
N ASP A 204 21.47 4.62 11.73
CA ASP A 204 22.75 4.24 12.35
C ASP A 204 22.68 3.99 13.87
N GLU A 205 22.13 4.96 14.62
CA GLU A 205 21.96 4.91 16.08
C GLU A 205 20.78 4.06 16.57
N ASN A 206 19.80 3.81 15.67
CA ASN A 206 18.60 3.03 15.97
C ASN A 206 18.38 1.90 14.90
N PRO A 207 19.24 0.85 14.84
CA PRO A 207 19.05 -0.18 13.80
C PRO A 207 17.85 -1.10 13.96
N ASP A 208 17.37 -1.27 15.20
CA ASP A 208 16.23 -2.14 15.51
C ASP A 208 14.82 -1.62 15.23
N ALA A 209 14.62 -0.29 15.07
CA ALA A 209 13.31 0.35 14.78
C ALA A 209 12.18 -0.07 15.77
N THR A 210 12.41 0.27 17.04
CA THR A 210 11.59 0.06 18.24
C THR A 210 10.17 0.66 18.16
N TYR A 211 9.18 -0.11 18.65
CA TYR A 211 7.80 0.31 18.84
C TYR A 211 7.57 0.24 20.37
N ASP A 212 7.25 1.38 20.97
CA ASP A 212 7.00 1.52 22.41
C ASP A 212 5.63 2.16 22.57
N TYR A 213 4.98 2.05 23.74
CA TYR A 213 3.66 2.69 23.95
C TYR A 213 3.74 4.19 23.63
N ARG A 214 4.88 4.82 23.91
CA ARG A 214 5.14 6.24 23.68
C ARG A 214 5.21 6.61 22.22
N SER A 215 5.40 5.63 21.30
CA SER A 215 5.38 5.93 19.86
C SER A 215 4.00 6.49 19.46
N ASP A 216 2.92 6.02 20.12
CA ASP A 216 1.55 6.50 19.87
C ASP A 216 1.37 7.96 20.29
N LEU A 217 2.11 8.38 21.33
CA LEU A 217 2.04 9.73 21.85
C LEU A 217 2.63 10.74 20.88
N TRP A 218 3.75 10.38 20.21
CA TRP A 218 4.33 11.20 19.16
C TRP A 218 3.26 11.36 18.06
N SER A 219 2.68 10.23 17.61
CA SER A 219 1.66 10.23 16.56
C SER A 219 0.45 11.11 16.95
N CYS A 220 0.09 11.10 18.25
CA CYS A 220 -1.00 11.93 18.76
C CYS A 220 -0.66 13.43 18.60
N GLY A 221 0.60 13.79 18.88
CA GLY A 221 1.07 15.16 18.68
C GLY A 221 1.04 15.57 17.21
N ILE A 222 1.41 14.64 16.30
CA ILE A 222 1.37 14.93 14.86
C ILE A 222 -0.09 15.15 14.42
N THR A 223 -1.04 14.37 15.01
CA THR A 223 -2.49 14.47 14.73
C THR A 223 -3.02 15.83 15.21
N ALA A 224 -2.50 16.34 16.33
CA ALA A 224 -2.88 17.66 16.85
C ALA A 224 -2.41 18.76 15.90
N ILE A 225 -1.21 18.62 15.28
CA ILE A 225 -0.72 19.57 14.26
C ILE A 225 -1.59 19.47 13.01
N GLU A 226 -1.99 18.23 12.65
CA GLU A 226 -2.84 17.96 11.51
C GLU A 226 -4.19 18.65 11.72
N MET A 227 -4.75 18.63 12.95
CA MET A 227 -6.02 19.29 13.25
C MET A 227 -5.85 20.82 13.15
N ALA A 228 -4.65 21.32 13.55
CA ALA A 228 -4.36 22.73 13.55
C ALA A 228 -4.03 23.31 12.20
N GLU A 229 -3.40 22.55 11.28
CA GLU A 229 -2.95 23.06 9.98
C GLU A 229 -3.52 22.37 8.75
N GLY A 230 -4.28 21.30 8.95
CA GLY A 230 -4.91 20.57 7.87
C GLY A 230 -4.09 19.46 7.27
N ALA A 231 -2.83 19.36 7.67
CA ALA A 231 -1.94 18.34 7.17
C ALA A 231 -0.80 18.13 8.16
N PRO A 232 -0.20 16.91 8.20
CA PRO A 232 0.94 16.70 9.11
C PRO A 232 2.17 17.46 8.62
N PRO A 233 3.22 17.69 9.46
CA PRO A 233 4.47 18.29 8.93
C PRO A 233 5.04 17.40 7.81
N LEU A 234 5.70 17.99 6.81
CA LEU A 234 6.30 17.22 5.70
C LEU A 234 5.33 16.56 4.70
N CYS A 235 3.99 16.80 4.79
CA CYS A 235 2.99 16.27 3.85
C CYS A 235 3.42 16.47 2.37
N ASP A 236 4.17 17.54 2.09
CA ASP A 236 4.72 17.91 0.78
C ASP A 236 5.65 16.80 0.22
N MET A 237 6.68 16.45 1.01
CA MET A 237 7.73 15.47 0.74
C MET A 237 7.27 14.12 0.28
N HIS A 238 8.05 13.51 -0.62
CA HIS A 238 7.95 12.12 -1.04
C HIS A 238 8.14 11.30 0.27
N PRO A 239 7.35 10.22 0.49
CA PRO A 239 7.43 9.48 1.76
C PRO A 239 8.82 9.06 2.22
N MET A 240 9.70 8.71 1.27
CA MET A 240 11.08 8.29 1.56
C MET A 240 11.92 9.43 2.15
N ARG A 241 11.68 10.65 1.67
CA ARG A 241 12.38 11.82 2.16
C ARG A 241 11.89 12.17 3.57
N ALA A 242 10.56 12.11 3.81
CA ALA A 242 9.97 12.34 5.13
C ALA A 242 10.57 11.34 6.16
N LEU A 243 10.71 10.07 5.74
CA LEU A 243 11.32 9.01 6.53
C LEU A 243 12.77 9.36 6.95
N PHE A 244 13.55 9.97 6.05
CA PHE A 244 14.91 10.37 6.34
C PHE A 244 14.94 11.59 7.29
N LEU A 245 14.04 12.55 7.07
CA LEU A 245 13.98 13.80 7.83
C LEU A 245 13.45 13.72 9.26
N ILE A 246 12.43 12.86 9.53
CA ILE A 246 11.85 12.72 10.90
C ILE A 246 12.89 12.57 12.03
N PRO A 247 13.88 11.63 11.96
CA PRO A 247 14.87 11.51 13.06
C PRO A 247 15.91 12.62 13.12
N ARG A 248 16.08 13.36 12.01
N ARG A 248 16.06 13.39 12.04
CA ARG A 248 17.07 14.43 11.85
CA ARG A 248 17.06 14.45 11.90
C ARG A 248 16.55 15.80 12.22
C ARG A 248 16.56 15.83 12.21
N ASN A 249 15.36 16.16 11.70
CA ASN A 249 14.73 17.45 11.93
C ASN A 249 14.44 17.71 13.40
N PRO A 250 14.40 18.99 13.84
CA PRO A 250 14.02 19.26 15.23
C PRO A 250 12.56 18.84 15.44
N PRO A 251 12.03 18.73 16.68
CA PRO A 251 10.60 18.37 16.83
C PRO A 251 9.74 19.33 16.00
N PRO A 252 8.77 18.81 15.22
CA PRO A 252 7.84 19.70 14.51
C PRO A 252 7.14 20.68 15.46
N ARG A 253 6.80 21.86 14.93
CA ARG A 253 6.18 22.93 15.72
C ARG A 253 5.08 23.57 14.91
N LEU A 254 4.03 24.08 15.56
CA LEU A 254 2.94 24.81 14.87
C LEU A 254 3.50 26.04 14.14
N LYS A 255 3.11 26.23 12.87
CA LYS A 255 3.56 27.35 12.03
C LYS A 255 3.02 28.69 12.51
N SER A 256 1.71 28.77 12.82
CA SER A 256 1.04 30.00 13.26
C SER A 256 1.36 30.38 14.70
N LYS A 257 1.43 31.70 14.94
CA LYS A 257 1.70 32.27 16.25
C LYS A 257 0.41 32.50 17.05
N LYS A 258 -0.76 32.33 16.41
CA LYS A 258 -2.10 32.50 17.00
C LYS A 258 -2.42 31.56 18.17
N TRP A 259 -1.80 30.36 18.18
CA TRP A 259 -2.08 29.33 19.19
C TRP A 259 -1.61 29.72 20.57
N SER A 260 -2.28 29.20 21.60
CA SER A 260 -1.90 29.48 22.98
C SER A 260 -0.60 28.77 23.36
N LYS A 261 0.04 29.27 24.43
CA LYS A 261 1.27 28.72 24.95
C LYS A 261 1.06 27.29 25.45
N LYS A 262 -0.14 26.98 26.02
CA LYS A 262 -0.49 25.63 26.48
C LYS A 262 -0.48 24.62 25.33
N PHE A 263 -0.97 25.04 24.14
CA PHE A 263 -1.00 24.18 22.96
C PHE A 263 0.45 23.90 22.46
N PHE A 264 1.30 24.95 22.35
CA PHE A 264 2.73 24.81 22.00
C PHE A 264 3.39 23.86 23.01
N SER A 265 3.06 24.00 24.29
CA SER A 265 3.56 23.18 25.39
C SER A 265 3.14 21.72 25.28
N PHE A 266 1.87 21.46 24.90
CA PHE A 266 1.35 20.12 24.67
C PHE A 266 2.12 19.43 23.54
N ILE A 267 2.36 20.14 22.43
CA ILE A 267 3.11 19.66 21.27
C ILE A 267 4.54 19.31 21.66
N GLU A 268 5.19 20.14 22.51
CA GLU A 268 6.54 19.88 23.01
C GLU A 268 6.59 18.60 23.80
N GLY A 269 5.52 18.29 24.54
CA GLY A 269 5.39 17.07 25.33
C GLY A 269 5.29 15.83 24.46
N CYS A 270 4.37 15.84 23.47
CA CYS A 270 4.19 14.73 22.53
C CYS A 270 5.44 14.50 21.70
N LEU A 271 6.01 15.59 21.22
CA LEU A 271 7.11 15.55 20.26
C LEU A 271 8.51 15.59 20.81
N VAL A 272 8.77 14.81 21.90
CA VAL A 272 10.13 14.65 22.41
C VAL A 272 10.66 13.53 21.50
N LYS A 273 11.71 13.81 20.73
CA LYS A 273 12.26 12.86 19.76
C LYS A 273 12.74 11.55 20.38
N ASN A 274 13.43 11.63 21.54
CA ASN A 274 13.91 10.47 22.24
C ASN A 274 12.76 9.93 23.10
N TYR A 275 12.19 8.77 22.68
CA TYR A 275 11.05 8.15 23.37
C TYR A 275 11.30 7.88 24.85
N MET A 276 12.57 7.65 25.26
CA MET A 276 12.94 7.39 26.65
C MET A 276 12.64 8.62 27.52
N GLN A 277 12.66 9.83 26.92
CA GLN A 277 12.42 11.11 27.59
C GLN A 277 11.02 11.68 27.33
N ARG A 278 10.26 11.00 26.46
CA ARG A 278 8.91 11.41 26.12
C ARG A 278 7.95 11.06 27.27
N PRO A 279 7.04 11.97 27.69
CA PRO A 279 6.11 11.63 28.79
C PRO A 279 5.15 10.48 28.42
N SER A 280 4.65 9.76 29.45
CA SER A 280 3.68 8.68 29.30
C SER A 280 2.30 9.27 28.99
N THR A 281 1.34 8.40 28.65
CA THR A 281 -0.05 8.80 28.34
C THR A 281 -0.68 9.46 29.55
N GLU A 282 -0.40 8.92 30.74
CA GLU A 282 -0.94 9.42 32.01
C GLU A 282 -0.44 10.84 32.29
N GLN A 283 0.87 11.11 32.01
CA GLN A 283 1.49 12.43 32.19
C GLN A 283 0.89 13.44 31.22
N LEU A 284 0.66 13.00 29.97
CA LEU A 284 0.08 13.90 28.95
C LEU A 284 -1.39 14.19 29.25
N LEU A 285 -2.09 13.25 29.92
CA LEU A 285 -3.49 13.46 30.33
C LEU A 285 -3.58 14.55 31.41
N LYS A 286 -2.48 14.75 32.18
CA LYS A 286 -2.40 15.78 33.24
C LYS A 286 -1.89 17.11 32.70
N HIS A 287 -1.48 17.18 31.41
CA HIS A 287 -1.00 18.43 30.82
C HIS A 287 -2.11 19.46 30.84
N PRO A 288 -1.82 20.74 31.20
CA PRO A 288 -2.89 21.77 31.25
C PRO A 288 -3.77 21.88 30.00
N PHE A 289 -3.21 21.70 28.79
CA PHE A 289 -3.96 21.76 27.54
C PHE A 289 -5.09 20.70 27.48
N ILE A 290 -4.84 19.52 28.06
CA ILE A 290 -5.74 18.37 28.11
C ILE A 290 -6.62 18.39 29.37
N ARG A 291 -6.01 18.64 30.53
CA ARG A 291 -6.63 18.64 31.84
C ARG A 291 -7.61 19.80 32.05
N ASP A 292 -7.30 21.00 31.54
CA ASP A 292 -8.17 22.16 31.76
C ASP A 292 -9.07 22.48 30.55
N GLN A 293 -10.29 21.89 30.54
CA GLN A 293 -11.27 22.06 29.47
C GLN A 293 -12.66 22.50 30.03
N PRO A 294 -12.82 23.79 30.42
CA PRO A 294 -14.11 24.23 30.98
C PRO A 294 -15.27 24.36 29.98
N ASN A 295 -14.96 24.39 28.68
CA ASN A 295 -15.94 24.52 27.59
C ASN A 295 -16.24 23.17 26.91
N GLU A 296 -15.93 22.06 27.62
CA GLU A 296 -16.10 20.66 27.19
C GLU A 296 -17.53 20.32 26.74
N ARG A 297 -18.55 20.85 27.45
CA ARG A 297 -19.96 20.63 27.10
C ARG A 297 -20.26 21.33 25.79
N GLN A 298 -19.80 22.58 25.65
CA GLN A 298 -20.01 23.38 24.45
C GLN A 298 -19.29 22.86 23.22
N VAL A 299 -18.05 22.34 23.39
CA VAL A 299 -17.27 21.80 22.27
C VAL A 299 -17.99 20.67 21.55
N ARG A 300 -18.55 19.72 22.34
CA ARG A 300 -19.34 18.59 21.84
C ARG A 300 -20.55 19.12 21.04
N ILE A 301 -21.25 20.14 21.59
CA ILE A 301 -22.40 20.80 20.93
C ILE A 301 -21.94 21.42 19.61
N GLN A 302 -20.84 22.19 19.65
CA GLN A 302 -20.25 22.86 18.47
C GLN A 302 -19.82 21.87 17.39
N LEU A 303 -19.25 20.72 17.79
CA LEU A 303 -18.81 19.68 16.86
C LEU A 303 -20.03 18.99 16.24
N LYS A 304 -21.05 18.66 17.06
CA LYS A 304 -22.30 18.05 16.58
C LYS A 304 -22.96 18.96 15.55
N ASP A 305 -22.90 20.30 15.79
CA ASP A 305 -23.46 21.34 14.93
C ASP A 305 -22.79 21.33 13.56
N HIS A 306 -21.45 21.28 13.55
CA HIS A 306 -20.63 21.22 12.33
C HIS A 306 -20.95 19.97 11.50
N ILE A 307 -20.95 18.79 12.14
CA ILE A 307 -21.17 17.52 11.46
C ILE A 307 -22.59 17.39 10.85
N ASP A 308 -23.61 17.92 11.56
CA ASP A 308 -25.01 17.94 11.12
C ASP A 308 -25.20 18.99 10.02
N ARG A 309 -24.39 20.09 10.05
CA ARG A 309 -24.36 21.17 9.07
C ARG A 309 -23.78 20.64 7.76
N THR A 310 -22.72 19.79 7.86
CA THR A 310 -22.06 19.15 6.73
C THR A 310 -23.00 18.03 6.21
N ARG A 311 -24.01 18.47 5.43
CA ARG A 311 -25.07 17.64 4.85
C ARG A 311 -25.56 18.35 3.55
N LYS A 312 -24.84 18.10 2.44
CA LYS A 312 -25.09 18.67 1.12
C LYS A 312 -24.55 17.77 0.01
N LEU B 11 -5.04 -2.08 -31.40
CA LEU B 11 -6.50 -2.10 -31.41
C LEU B 11 -7.07 -0.72 -31.78
N VAL B 12 -8.13 -0.73 -32.62
CA VAL B 12 -8.80 0.44 -33.21
C VAL B 12 -9.42 1.47 -32.24
N ASP B 13 -10.03 1.00 -31.13
CA ASP B 13 -10.78 1.83 -30.17
C ASP B 13 -10.05 2.16 -28.84
N ILE B 14 -8.71 2.13 -28.85
CA ILE B 14 -7.88 2.40 -27.67
C ILE B 14 -7.52 3.88 -27.58
N ASP B 15 -7.80 4.48 -26.42
CA ASP B 15 -7.47 5.87 -26.14
C ASP B 15 -6.85 5.94 -24.73
N LEU B 16 -5.51 5.98 -24.69
CA LEU B 16 -4.74 6.01 -23.45
C LEU B 16 -4.73 7.38 -22.76
N SER B 17 -5.23 8.42 -23.44
CA SER B 17 -5.31 9.79 -22.95
C SER B 17 -6.67 10.17 -22.34
N SER B 18 -7.67 9.26 -22.36
CA SER B 18 -8.96 9.60 -21.76
C SER B 18 -9.62 8.51 -20.89
N LEU B 19 -10.43 8.94 -19.92
CA LEU B 19 -11.14 8.06 -19.00
C LEU B 19 -12.55 7.88 -19.57
N ARG B 20 -12.86 6.67 -20.10
CA ARG B 20 -14.13 6.42 -20.79
C ARG B 20 -14.98 5.30 -20.21
N ASP B 21 -16.27 5.23 -20.63
CA ASP B 21 -17.12 4.13 -20.23
C ASP B 21 -16.63 2.93 -21.04
N PRO B 22 -16.53 1.71 -20.46
CA PRO B 22 -16.03 0.58 -21.24
C PRO B 22 -17.05 -0.09 -22.18
N ALA B 23 -18.35 0.34 -22.15
CA ALA B 23 -19.44 -0.23 -22.95
C ALA B 23 -19.09 -0.27 -24.43
N GLY B 24 -19.17 -1.46 -25.00
CA GLY B 24 -18.83 -1.67 -26.41
C GLY B 24 -17.33 -1.76 -26.69
N ILE B 25 -16.47 -1.63 -25.66
CA ILE B 25 -15.01 -1.69 -25.83
C ILE B 25 -14.44 -2.91 -25.09
N PHE B 26 -14.63 -2.97 -23.76
CA PHE B 26 -14.21 -4.14 -22.96
C PHE B 26 -15.32 -4.63 -22.10
N GLU B 27 -15.29 -5.89 -21.74
CA GLU B 27 -16.27 -6.44 -20.82
C GLU B 27 -15.56 -7.43 -19.94
N LEU B 28 -16.10 -7.65 -18.76
CA LEU B 28 -15.57 -8.66 -17.85
C LEU B 28 -16.13 -10.00 -18.31
N VAL B 29 -15.35 -11.09 -18.17
CA VAL B 29 -15.90 -12.40 -18.48
C VAL B 29 -16.21 -13.14 -17.18
N GLU B 30 -15.30 -13.02 -16.19
CA GLU B 30 -15.46 -13.54 -14.83
C GLU B 30 -16.51 -12.70 -14.14
N VAL B 31 -17.28 -13.30 -13.23
CA VAL B 31 -18.30 -12.55 -12.49
C VAL B 31 -17.59 -11.81 -11.36
N VAL B 32 -17.64 -10.48 -11.40
CA VAL B 32 -16.98 -9.65 -10.39
C VAL B 32 -18.00 -9.25 -9.34
N GLY B 33 -17.71 -9.63 -8.10
CA GLY B 33 -18.56 -9.34 -6.96
C GLY B 33 -18.36 -7.94 -6.41
N ASN B 34 -18.90 -7.73 -5.20
CA ASN B 34 -18.82 -6.46 -4.48
C ASN B 34 -17.53 -6.43 -3.67
N GLY B 35 -16.85 -5.29 -3.70
CA GLY B 35 -15.61 -5.08 -2.96
C GLY B 35 -14.33 -5.36 -3.70
N THR B 36 -14.00 -4.50 -4.68
CA THR B 36 -12.75 -4.60 -5.44
C THR B 36 -11.75 -3.51 -5.06
N TYR B 37 -10.47 -3.88 -5.04
CA TYR B 37 -9.34 -3.03 -4.68
C TYR B 37 -8.05 -3.45 -5.38
N GLY B 38 -8.15 -3.75 -6.67
CA GLY B 38 -6.97 -4.10 -7.45
C GLY B 38 -6.88 -5.51 -7.93
N GLN B 39 -7.90 -6.35 -7.66
CA GLN B 39 -7.83 -7.74 -8.19
C GLN B 39 -8.00 -7.77 -9.71
N VAL B 40 -7.39 -8.77 -10.35
CA VAL B 40 -7.36 -8.88 -11.80
C VAL B 40 -8.31 -9.96 -12.27
N TYR B 41 -9.18 -9.60 -13.21
CA TYR B 41 -10.19 -10.50 -13.74
C TYR B 41 -10.03 -10.70 -15.21
N LYS B 42 -10.46 -11.86 -15.68
CA LYS B 42 -10.46 -12.15 -17.12
C LYS B 42 -11.53 -11.25 -17.75
N GLY B 43 -11.17 -10.62 -18.85
CA GLY B 43 -12.03 -9.73 -19.62
C GLY B 43 -11.91 -10.03 -21.10
N ARG B 44 -12.53 -9.20 -21.93
CA ARG B 44 -12.50 -9.40 -23.38
C ARG B 44 -12.68 -8.09 -24.10
N HIS B 45 -11.96 -7.94 -25.22
CA HIS B 45 -12.11 -6.78 -26.10
C HIS B 45 -13.37 -7.07 -26.92
N VAL B 46 -14.39 -6.23 -26.79
CA VAL B 46 -15.70 -6.44 -27.43
C VAL B 46 -15.64 -6.53 -28.94
N LYS B 47 -14.89 -5.61 -29.57
CA LYS B 47 -14.74 -5.52 -31.03
C LYS B 47 -13.95 -6.64 -31.70
N THR B 48 -12.96 -7.22 -31.01
CA THR B 48 -12.15 -8.28 -31.62
C THR B 48 -12.36 -9.65 -31.01
N GLY B 49 -12.85 -9.71 -29.77
CA GLY B 49 -13.04 -10.95 -29.03
C GLY B 49 -11.78 -11.37 -28.30
N GLN B 50 -10.67 -10.62 -28.51
CA GLN B 50 -9.35 -10.87 -27.90
C GLN B 50 -9.45 -10.74 -26.36
N LEU B 51 -8.87 -11.70 -25.62
CA LEU B 51 -8.91 -11.70 -24.16
C LEU B 51 -8.14 -10.53 -23.57
N ALA B 52 -8.50 -10.11 -22.36
CA ALA B 52 -7.82 -9.01 -21.68
C ALA B 52 -7.79 -9.20 -20.17
N ALA B 53 -6.78 -8.62 -19.51
CA ALA B 53 -6.67 -8.67 -18.07
C ALA B 53 -7.22 -7.32 -17.59
N ILE B 54 -8.19 -7.36 -16.67
CA ILE B 54 -8.83 -6.15 -16.15
C ILE B 54 -8.64 -6.04 -14.65
N LYS B 55 -7.92 -4.97 -14.22
CA LYS B 55 -7.70 -4.64 -12.80
C LYS B 55 -8.89 -3.75 -12.40
N VAL B 56 -9.62 -4.15 -11.37
CA VAL B 56 -10.86 -3.45 -10.95
C VAL B 56 -10.68 -2.88 -9.54
N MET B 57 -11.07 -1.62 -9.36
CA MET B 57 -10.98 -0.93 -8.08
C MET B 57 -12.20 -0.08 -7.86
N ASP B 58 -12.74 -0.09 -6.64
CA ASP B 58 -13.85 0.78 -6.28
C ASP B 58 -13.23 2.15 -6.03
N VAL B 59 -13.79 3.19 -6.66
CA VAL B 59 -13.25 4.54 -6.56
C VAL B 59 -14.30 5.55 -6.12
N THR B 60 -13.88 6.60 -5.38
CA THR B 60 -14.76 7.71 -4.94
C THR B 60 -14.95 8.63 -6.15
N GLU B 61 -15.91 9.58 -6.09
CA GLU B 61 -16.15 10.55 -7.16
C GLU B 61 -14.98 11.52 -7.29
N ASP B 62 -14.34 11.85 -6.14
CA ASP B 62 -13.17 12.73 -6.07
C ASP B 62 -11.94 12.13 -6.76
N GLU B 63 -11.65 10.82 -6.49
CA GLU B 63 -10.53 10.06 -7.08
C GLU B 63 -10.64 9.98 -8.59
N GLU B 64 -11.87 9.95 -9.14
CA GLU B 64 -12.12 9.90 -10.58
C GLU B 64 -11.59 11.15 -11.27
N GLU B 65 -11.81 12.34 -10.65
CA GLU B 65 -11.34 13.63 -11.16
C GLU B 65 -9.81 13.64 -11.24
N GLU B 66 -9.16 13.09 -10.19
CA GLU B 66 -7.72 12.94 -10.06
C GLU B 66 -7.16 11.98 -11.08
N ILE B 67 -7.86 10.83 -11.31
CA ILE B 67 -7.50 9.79 -12.27
C ILE B 67 -7.39 10.41 -13.66
N LYS B 68 -8.35 11.29 -14.00
CA LYS B 68 -8.40 12.01 -15.28
C LYS B 68 -7.11 12.77 -15.54
N LEU B 69 -6.59 13.50 -14.52
CA LEU B 69 -5.34 14.25 -14.68
C LEU B 69 -4.13 13.31 -14.83
N GLU B 70 -4.07 12.25 -14.03
CA GLU B 70 -2.96 11.28 -14.07
C GLU B 70 -2.81 10.63 -15.47
N ILE B 71 -3.94 10.35 -16.14
CA ILE B 71 -4.05 9.77 -17.48
C ILE B 71 -3.45 10.74 -18.53
N ASN B 72 -3.67 12.06 -18.35
CA ASN B 72 -3.12 13.09 -19.25
C ASN B 72 -1.60 13.08 -19.20
N MET B 73 -1.04 12.67 -18.06
CA MET B 73 0.42 12.62 -17.83
C MET B 73 1.07 11.34 -18.32
N LEU B 74 0.27 10.40 -18.88
CA LEU B 74 0.84 9.15 -19.35
C LEU B 74 1.77 9.36 -20.51
N LYS B 75 3.03 8.88 -20.34
CA LYS B 75 4.06 8.93 -21.35
C LYS B 75 3.73 7.83 -22.36
N LYS B 76 3.98 8.05 -23.64
CA LYS B 76 3.65 6.99 -24.57
C LYS B 76 4.81 6.32 -25.25
N TYR B 77 4.62 5.03 -25.55
CA TYR B 77 5.62 4.17 -26.14
C TYR B 77 4.92 3.10 -26.92
N SER B 78 5.51 2.69 -28.04
CA SER B 78 4.98 1.67 -28.94
C SER B 78 4.89 0.33 -28.23
N HIS B 79 4.25 -0.65 -28.84
N HIS B 79 4.23 -0.67 -28.83
CA HIS B 79 4.30 -1.87 -28.10
CA HIS B 79 4.10 -2.05 -28.32
C HIS B 79 5.54 -2.73 -28.29
C HIS B 79 5.50 -2.73 -28.29
N HIS B 80 5.66 -3.79 -27.47
CA HIS B 80 6.86 -4.61 -27.41
C HIS B 80 6.48 -5.99 -26.92
N ARG B 81 7.04 -7.02 -27.57
CA ARG B 81 6.77 -8.42 -27.25
C ARG B 81 7.00 -8.82 -25.79
N ASN B 82 7.80 -8.03 -25.03
CA ASN B 82 8.10 -8.33 -23.62
C ASN B 82 7.37 -7.49 -22.60
N ILE B 83 6.33 -6.77 -23.06
CA ILE B 83 5.49 -5.95 -22.21
C ILE B 83 4.04 -6.34 -22.48
N ALA B 84 3.29 -6.59 -21.40
CA ALA B 84 1.88 -6.89 -21.52
C ALA B 84 1.23 -5.52 -21.80
N THR B 85 0.84 -5.29 -23.08
CA THR B 85 0.28 -4.03 -23.58
C THR B 85 -0.80 -3.45 -22.70
N TYR B 86 -0.62 -2.18 -22.30
CA TYR B 86 -1.60 -1.44 -21.48
C TYR B 86 -2.69 -0.92 -22.45
N TYR B 87 -3.98 -1.23 -22.19
CA TYR B 87 -5.08 -0.83 -23.08
C TYR B 87 -5.90 0.37 -22.62
N GLY B 88 -5.58 0.95 -21.49
CA GLY B 88 -6.28 2.15 -21.07
C GLY B 88 -7.00 2.07 -19.76
N ALA B 89 -7.65 3.17 -19.41
CA ALA B 89 -8.38 3.28 -18.16
C ALA B 89 -9.85 3.54 -18.43
N PHE B 90 -10.71 2.87 -17.68
CA PHE B 90 -12.15 3.05 -17.89
C PHE B 90 -12.87 3.19 -16.56
N ILE B 91 -14.01 3.91 -16.56
CA ILE B 91 -14.89 4.05 -15.40
C ILE B 91 -16.26 3.47 -15.74
N LYS B 92 -16.69 2.48 -14.93
CA LYS B 92 -18.00 1.84 -15.03
C LYS B 92 -18.88 2.47 -13.95
N LYS B 93 -19.74 3.37 -14.39
CA LYS B 93 -20.60 4.17 -13.53
C LYS B 93 -21.66 3.41 -12.73
N SER B 94 -21.87 3.92 -11.52
CA SER B 94 -22.87 3.52 -10.52
C SER B 94 -23.65 4.81 -10.20
N PRO B 95 -24.90 4.75 -9.65
CA PRO B 95 -25.62 6.00 -9.34
C PRO B 95 -24.97 6.79 -8.18
N PRO B 96 -25.12 8.15 -8.13
CA PRO B 96 -24.48 8.93 -7.02
C PRO B 96 -24.78 8.39 -5.62
N GLY B 97 -23.73 8.33 -4.80
CA GLY B 97 -23.80 7.78 -3.45
C GLY B 97 -23.06 6.45 -3.42
N HIS B 98 -23.42 5.56 -4.37
CA HIS B 98 -22.76 4.27 -4.58
C HIS B 98 -21.53 4.56 -5.45
N ASP B 99 -20.42 3.90 -5.15
CA ASP B 99 -19.14 4.12 -5.85
C ASP B 99 -19.02 3.47 -7.21
N ASP B 100 -18.32 4.16 -8.13
CA ASP B 100 -18.06 3.66 -9.48
C ASP B 100 -16.82 2.76 -9.43
N GLN B 101 -16.50 2.07 -10.55
CA GLN B 101 -15.32 1.23 -10.60
C GLN B 101 -14.34 1.59 -11.69
N LEU B 102 -13.07 1.74 -11.30
CA LEU B 102 -12.02 2.03 -12.24
C LEU B 102 -11.55 0.69 -12.79
N TRP B 103 -11.38 0.61 -14.11
CA TRP B 103 -10.88 -0.56 -14.82
C TRP B 103 -9.53 -0.19 -15.43
N LEU B 104 -8.46 -0.96 -15.16
CA LEU B 104 -7.18 -0.76 -15.84
C LEU B 104 -7.01 -1.99 -16.71
N VAL B 105 -6.91 -1.80 -18.02
CA VAL B 105 -6.96 -2.91 -18.97
C VAL B 105 -5.62 -3.24 -19.59
N MET B 106 -5.27 -4.50 -19.57
CA MET B 106 -3.98 -4.94 -20.11
C MET B 106 -4.12 -6.22 -20.94
N GLU B 107 -3.09 -6.50 -21.78
CA GLU B 107 -2.96 -7.74 -22.55
C GLU B 107 -3.04 -8.91 -21.57
N PHE B 108 -3.81 -9.95 -21.93
CA PHE B 108 -4.02 -11.11 -21.08
C PHE B 108 -2.85 -12.08 -21.18
N CYS B 109 -2.34 -12.52 -20.02
CA CYS B 109 -1.23 -13.47 -19.92
C CYS B 109 -1.69 -14.60 -19.04
N GLY B 110 -1.98 -15.72 -19.72
CA GLY B 110 -2.61 -16.91 -19.15
C GLY B 110 -1.89 -17.76 -18.12
N ALA B 111 -0.57 -17.95 -18.28
CA ALA B 111 0.21 -18.83 -17.42
C ALA B 111 0.60 -18.30 -16.02
N GLY B 112 0.22 -17.08 -15.70
CA GLY B 112 0.52 -16.51 -14.39
C GLY B 112 1.91 -15.91 -14.26
N SER B 113 2.29 -15.51 -13.05
CA SER B 113 3.56 -14.84 -12.74
C SER B 113 4.75 -15.75 -12.60
N ILE B 114 5.94 -15.15 -12.60
CA ILE B 114 7.21 -15.83 -12.38
C ILE B 114 7.28 -16.35 -10.91
N THR B 115 6.66 -15.62 -9.97
CA THR B 115 6.56 -15.98 -8.55
C THR B 115 5.73 -17.27 -8.41
N ASP B 116 4.57 -17.35 -9.10
CA ASP B 116 3.72 -18.55 -9.06
C ASP B 116 4.51 -19.73 -9.63
N LEU B 117 5.18 -19.53 -10.78
CA LEU B 117 6.02 -20.55 -11.43
C LEU B 117 7.03 -21.15 -10.44
N VAL B 118 7.82 -20.29 -9.74
CA VAL B 118 8.80 -20.77 -8.75
C VAL B 118 8.14 -21.47 -7.55
N LYS B 119 7.01 -20.94 -7.06
CA LYS B 119 6.21 -21.48 -5.95
C LYS B 119 5.70 -22.89 -6.30
N ASN B 120 5.29 -23.08 -7.57
CA ASN B 120 4.78 -24.34 -8.09
C ASN B 120 5.90 -25.31 -8.45
N THR B 121 7.13 -24.83 -8.60
CA THR B 121 8.28 -25.68 -8.93
C THR B 121 8.78 -26.40 -7.67
N LYS B 122 9.23 -27.66 -7.84
CA LYS B 122 9.77 -28.51 -6.77
C LYS B 122 11.08 -27.90 -6.26
N GLY B 123 11.12 -27.64 -4.96
CA GLY B 123 12.26 -27.06 -4.27
C GLY B 123 12.34 -25.54 -4.33
N ASN B 124 11.34 -24.88 -4.95
CA ASN B 124 11.21 -23.42 -5.13
C ASN B 124 12.48 -22.81 -5.71
N THR B 125 12.97 -23.46 -6.77
CA THR B 125 14.18 -23.10 -7.48
C THR B 125 13.98 -23.43 -8.94
N LEU B 126 14.26 -22.47 -9.83
CA LEU B 126 14.16 -22.71 -11.26
C LEU B 126 15.54 -23.10 -11.79
N LYS B 127 15.58 -23.92 -12.86
CA LYS B 127 16.83 -24.32 -13.51
C LYS B 127 17.52 -23.07 -14.05
N GLU B 128 18.85 -23.06 -14.01
CA GLU B 128 19.65 -21.93 -14.46
C GLU B 128 19.35 -21.42 -15.87
N ASP B 129 19.20 -22.32 -16.86
CA ASP B 129 18.89 -21.88 -18.22
C ASP B 129 17.49 -21.23 -18.35
N TRP B 130 16.57 -21.52 -17.39
CA TRP B 130 15.25 -20.90 -17.34
C TRP B 130 15.44 -19.46 -16.83
N ILE B 131 16.28 -19.30 -15.78
CA ILE B 131 16.60 -17.99 -15.18
C ILE B 131 17.22 -17.09 -16.22
N ALA B 132 18.18 -17.62 -17.02
CA ALA B 132 18.81 -16.86 -18.10
C ALA B 132 17.80 -16.39 -19.13
N TYR B 133 16.87 -17.29 -19.54
CA TYR B 133 15.85 -16.96 -20.53
C TYR B 133 14.91 -15.90 -19.99
N ILE B 134 14.37 -16.11 -18.80
CA ILE B 134 13.44 -15.15 -18.18
C ILE B 134 14.12 -13.78 -17.96
N SER B 135 15.36 -13.79 -17.41
CA SER B 135 16.11 -12.56 -17.17
C SER B 135 16.36 -11.78 -18.45
N ARG B 136 16.70 -12.45 -19.56
CA ARG B 136 16.89 -11.78 -20.84
C ARG B 136 15.60 -11.08 -21.31
N GLU B 137 14.46 -11.78 -21.20
CA GLU B 137 13.17 -11.22 -21.64
C GLU B 137 12.79 -9.99 -20.80
N ILE B 138 13.07 -10.03 -19.48
CA ILE B 138 12.84 -8.90 -18.58
C ILE B 138 13.69 -7.73 -19.06
N LEU B 139 15.00 -7.98 -19.32
CA LEU B 139 15.95 -6.98 -19.76
C LEU B 139 15.56 -6.35 -21.09
N ARG B 140 15.01 -7.17 -22.02
CA ARG B 140 14.55 -6.67 -23.32
C ARG B 140 13.32 -5.78 -23.12
N GLY B 141 12.44 -6.15 -22.20
CA GLY B 141 11.27 -5.35 -21.86
C GLY B 141 11.68 -4.01 -21.27
N LEU B 142 12.65 -4.04 -20.34
CA LEU B 142 13.19 -2.86 -19.70
C LEU B 142 13.89 -1.96 -20.70
N ALA B 143 14.67 -2.56 -21.64
CA ALA B 143 15.41 -1.79 -22.66
C ALA B 143 14.45 -0.93 -23.46
N HIS B 144 13.28 -1.51 -23.79
CA HIS B 144 12.24 -0.82 -24.54
C HIS B 144 11.69 0.37 -23.73
N LEU B 145 11.38 0.17 -22.43
CA LEU B 145 10.87 1.25 -21.58
C LEU B 145 11.90 2.34 -21.39
N HIS B 146 13.16 1.94 -21.13
CA HIS B 146 14.26 2.87 -20.87
C HIS B 146 14.59 3.80 -22.04
N ILE B 147 14.59 3.27 -23.28
CA ILE B 147 14.85 4.06 -24.48
C ILE B 147 13.72 5.12 -24.70
N HIS B 148 12.51 4.84 -24.20
CA HIS B 148 11.33 5.72 -24.23
C HIS B 148 11.26 6.59 -22.94
N HIS B 149 12.37 6.63 -22.17
CA HIS B 149 12.54 7.39 -20.94
C HIS B 149 11.53 7.07 -19.83
N VAL B 150 11.18 5.78 -19.74
CA VAL B 150 10.24 5.26 -18.75
C VAL B 150 10.97 4.29 -17.83
N ILE B 151 10.77 4.46 -16.50
CA ILE B 151 11.33 3.59 -15.46
C ILE B 151 10.17 2.71 -15.02
N HIS B 152 10.35 1.37 -14.98
CA HIS B 152 9.26 0.49 -14.55
C HIS B 152 8.89 0.77 -13.09
N ARG B 153 9.90 0.76 -12.18
CA ARG B 153 9.76 1.04 -10.74
C ARG B 153 9.32 -0.12 -9.88
N ASP B 154 8.84 -1.21 -10.47
CA ASP B 154 8.32 -2.33 -9.68
C ASP B 154 8.61 -3.69 -10.28
N ILE B 155 9.85 -3.87 -10.73
CA ILE B 155 10.31 -5.15 -11.26
C ILE B 155 10.48 -6.10 -10.06
N LYS B 156 9.78 -7.25 -10.14
CA LYS B 156 9.73 -8.34 -9.17
C LYS B 156 9.02 -9.52 -9.86
N GLY B 157 9.16 -10.72 -9.31
CA GLY B 157 8.58 -11.93 -9.88
C GLY B 157 7.07 -11.87 -10.12
N GLN B 158 6.36 -11.18 -9.21
CA GLN B 158 4.91 -11.02 -9.32
C GLN B 158 4.52 -10.09 -10.50
N ASN B 159 5.45 -9.25 -11.00
CA ASN B 159 5.19 -8.34 -12.13
C ASN B 159 5.76 -8.79 -13.48
N VAL B 160 6.19 -10.05 -13.52
CA VAL B 160 6.76 -10.68 -14.71
C VAL B 160 5.85 -11.87 -15.02
N LEU B 161 5.14 -11.82 -16.14
CA LEU B 161 4.17 -12.86 -16.46
C LEU B 161 4.55 -13.73 -17.65
N LEU B 162 3.91 -14.89 -17.72
CA LEU B 162 4.07 -15.87 -18.78
C LEU B 162 2.75 -16.05 -19.54
N THR B 163 2.81 -16.06 -20.87
CA THR B 163 1.64 -16.34 -21.71
C THR B 163 1.57 -17.88 -21.81
N GLU B 164 0.52 -18.42 -22.47
CA GLU B 164 0.33 -19.86 -22.67
C GLU B 164 1.52 -20.47 -23.45
N ASN B 165 2.08 -19.70 -24.42
CA ASN B 165 3.21 -20.05 -25.28
C ASN B 165 4.59 -19.77 -24.65
N ALA B 166 4.64 -19.60 -23.31
CA ALA B 166 5.84 -19.29 -22.51
C ALA B 166 6.56 -18.01 -22.93
N GLU B 167 5.80 -17.01 -23.43
CA GLU B 167 6.34 -15.68 -23.74
C GLU B 167 6.40 -14.93 -22.41
N VAL B 168 7.46 -14.14 -22.20
CA VAL B 168 7.68 -13.38 -20.95
C VAL B 168 7.27 -11.93 -21.14
N LYS B 169 6.35 -11.46 -20.29
CA LYS B 169 5.82 -10.09 -20.37
C LYS B 169 5.86 -9.33 -19.04
N LEU B 170 6.29 -8.07 -19.09
CA LEU B 170 6.25 -7.20 -17.92
C LEU B 170 4.83 -6.62 -17.79
N VAL B 171 4.27 -6.70 -16.58
CA VAL B 171 2.97 -6.14 -16.23
C VAL B 171 3.01 -4.64 -16.52
N ASP B 172 2.05 -4.18 -17.31
CA ASP B 172 1.91 -2.77 -17.58
C ASP B 172 0.43 -2.38 -17.46
N PHE B 173 0.04 -1.93 -16.25
CA PHE B 173 -1.30 -1.38 -16.04
C PHE B 173 -1.17 0.16 -15.93
N GLY B 174 -0.34 0.74 -16.79
CA GLY B 174 -0.07 2.18 -16.81
C GLY B 174 1.12 2.54 -15.92
N VAL B 175 2.32 1.97 -16.22
CA VAL B 175 3.56 2.19 -15.44
C VAL B 175 4.06 3.63 -15.44
N SER B 176 4.08 4.30 -16.61
CA SER B 176 4.59 5.67 -16.75
C SER B 176 3.79 6.73 -16.00
N ALA B 177 2.85 6.30 -15.11
CA ALA B 177 2.02 7.16 -14.28
C ALA B 177 1.48 6.39 -13.08
N GLN B 178 2.15 5.27 -12.70
CA GLN B 178 1.84 4.37 -11.58
C GLN B 178 0.38 4.41 -11.13
N LEU B 179 -0.53 4.09 -12.06
CA LEU B 179 -2.00 4.12 -11.88
C LEU B 179 -2.54 3.13 -10.84
N ASP B 180 -1.98 1.91 -10.78
CA ASP B 180 -2.41 0.86 -9.85
C ASP B 180 -1.98 1.03 -8.39
N ARG B 181 -1.05 1.96 -8.11
CA ARG B 181 -0.52 2.24 -6.77
C ARG B 181 -0.84 3.71 -6.36
N THR B 182 -2.13 4.09 -6.40
CA THR B 182 -2.60 5.44 -6.06
C THR B 182 -4.09 5.52 -5.68
N VAL B 183 -4.88 4.51 -6.09
CA VAL B 183 -6.33 4.42 -5.88
C VAL B 183 -6.83 4.63 -4.44
N GLY B 184 -6.60 3.68 -3.54
CA GLY B 184 -7.00 3.77 -2.14
C GLY B 184 -5.93 4.36 -1.26
N ARG B 185 -5.37 5.53 -1.67
CA ARG B 185 -4.30 6.28 -1.00
C ARG B 185 -2.98 5.50 -0.76
N ARG B 186 -2.74 4.45 -1.58
CA ARG B 186 -1.56 3.57 -1.55
C ARG B 186 -0.28 4.31 -2.00
N ASN B 187 -0.43 5.60 -2.34
CA ASN B 187 0.57 6.55 -2.83
C ASN B 187 1.44 7.20 -1.74
N THR B 188 0.80 7.53 -0.60
CA THR B 188 1.39 8.14 0.60
C THR B 188 2.26 7.08 1.31
N PHE B 189 2.03 5.81 0.92
CA PHE B 189 2.67 4.61 1.44
C PHE B 189 3.93 4.25 0.70
N ILE B 190 4.90 3.72 1.44
CA ILE B 190 6.11 3.13 0.87
C ILE B 190 5.66 1.65 0.68
N GLY B 191 5.85 1.08 -0.49
CA GLY B 191 5.41 -0.30 -0.70
C GLY B 191 6.32 -1.31 -0.02
N THR B 192 6.48 -2.46 -0.65
CA THR B 192 7.38 -3.48 -0.15
C THR B 192 8.82 -3.05 -0.54
N PRO B 193 9.80 -3.19 0.35
CA PRO B 193 11.15 -2.71 0.03
C PRO B 193 12.15 -3.72 -0.56
N TYR B 194 11.84 -5.06 -0.56
CA TYR B 194 12.80 -6.11 -0.95
C TYR B 194 13.48 -6.04 -2.29
N TRP B 195 12.84 -5.44 -3.27
CA TRP B 195 13.40 -5.34 -4.62
C TRP B 195 13.98 -3.95 -4.88
N MET B 196 13.96 -3.06 -3.84
CA MET B 196 14.45 -1.68 -3.97
C MET B 196 15.95 -1.56 -4.02
N ALA B 197 16.43 -0.76 -4.97
CA ALA B 197 17.83 -0.45 -5.16
C ALA B 197 18.28 0.55 -4.04
N PRO B 198 19.57 0.57 -3.64
CA PRO B 198 20.01 1.53 -2.62
C PRO B 198 19.66 3.01 -2.88
N GLU B 199 19.76 3.49 -4.15
CA GLU B 199 19.44 4.89 -4.50
C GLU B 199 17.97 5.28 -4.32
N VAL B 200 17.05 4.31 -4.26
CA VAL B 200 15.64 4.68 -4.06
C VAL B 200 15.30 4.87 -2.56
N ILE B 201 16.24 4.56 -1.66
CA ILE B 201 16.11 4.68 -0.20
C ILE B 201 16.97 5.87 0.26
N ALA B 202 16.35 6.82 0.98
CA ALA B 202 17.08 7.99 1.47
C ALA B 202 17.97 7.69 2.68
N CYS B 203 19.19 8.25 2.67
CA CYS B 203 20.19 8.15 3.72
C CYS B 203 21.14 9.36 3.65
N ASP B 204 22.07 9.50 4.62
CA ASP B 204 22.99 10.63 4.74
C ASP B 204 23.59 11.11 3.41
N GLU B 205 24.17 10.19 2.63
CA GLU B 205 24.79 10.47 1.33
C GLU B 205 23.79 10.60 0.16
N ASN B 206 22.55 10.08 0.34
CA ASN B 206 21.49 10.14 -0.67
C ASN B 206 20.16 10.71 -0.05
N PRO B 207 20.09 12.02 0.32
CA PRO B 207 18.87 12.53 0.98
C PRO B 207 17.65 12.63 0.05
N ASP B 208 17.89 12.86 -1.26
CA ASP B 208 16.85 12.97 -2.29
C ASP B 208 16.77 11.62 -3.01
N ALA B 209 16.13 10.62 -2.35
CA ALA B 209 15.95 9.25 -2.83
C ALA B 209 15.30 9.22 -4.23
N THR B 210 16.12 9.37 -5.26
CA THR B 210 15.68 9.47 -6.65
C THR B 210 15.94 8.22 -7.51
N TYR B 211 14.86 7.73 -8.16
CA TYR B 211 14.90 6.61 -9.12
C TYR B 211 15.74 7.03 -10.34
N ASP B 212 16.29 6.03 -10.99
CA ASP B 212 17.06 6.13 -12.24
C ASP B 212 16.64 4.88 -13.01
N TYR B 213 16.88 4.82 -14.34
CA TYR B 213 16.59 3.63 -15.15
C TYR B 213 17.30 2.40 -14.56
N ARG B 214 18.53 2.64 -14.07
CA ARG B 214 19.39 1.61 -13.48
C ARG B 214 18.79 0.96 -12.24
N SER B 215 17.80 1.62 -11.56
CA SER B 215 17.09 1.05 -10.40
C SER B 215 16.36 -0.23 -10.80
N ASP B 216 15.87 -0.30 -12.07
CA ASP B 216 15.18 -1.48 -12.60
C ASP B 216 16.11 -2.65 -12.74
N LEU B 217 17.40 -2.37 -13.00
CA LEU B 217 18.41 -3.40 -13.18
C LEU B 217 18.75 -4.09 -11.88
N TRP B 218 18.83 -3.32 -10.77
CA TRP B 218 19.03 -3.87 -9.44
C TRP B 218 17.84 -4.80 -9.18
N SER B 219 16.60 -4.29 -9.38
CA SER B 219 15.37 -5.09 -9.16
C SER B 219 15.36 -6.37 -10.02
N CYS B 220 15.89 -6.30 -11.27
CA CYS B 220 16.01 -7.48 -12.14
C CYS B 220 16.96 -8.53 -11.51
N GLY B 221 18.07 -8.08 -10.92
CA GLY B 221 18.99 -8.98 -10.22
C GLY B 221 18.33 -9.62 -9.01
N ILE B 222 17.51 -8.86 -8.25
CA ILE B 222 16.78 -9.40 -7.09
C ILE B 222 15.78 -10.46 -7.56
N THR B 223 15.12 -10.21 -8.73
CA THR B 223 14.16 -11.16 -9.36
C THR B 223 14.87 -12.46 -9.76
N ALA B 224 16.14 -12.37 -10.24
CA ALA B 224 16.93 -13.55 -10.62
C ALA B 224 17.25 -14.37 -9.38
N ILE B 225 17.53 -13.70 -8.21
CA ILE B 225 17.74 -14.41 -6.94
C ILE B 225 16.41 -15.06 -6.49
N GLU B 226 15.30 -14.35 -6.70
CA GLU B 226 13.95 -14.82 -6.37
C GLU B 226 13.64 -16.08 -7.20
N MET B 227 14.03 -16.12 -8.47
CA MET B 227 13.83 -17.30 -9.32
C MET B 227 14.71 -18.45 -8.85
N ALA B 228 15.91 -18.13 -8.37
CA ALA B 228 16.88 -19.12 -7.90
C ALA B 228 16.59 -19.69 -6.52
N GLU B 229 16.02 -18.90 -5.60
CA GLU B 229 15.79 -19.33 -4.22
C GLU B 229 14.34 -19.33 -3.73
N GLY B 230 13.42 -18.85 -4.56
CA GLY B 230 11.99 -18.79 -4.25
C GLY B 230 11.53 -17.56 -3.51
N ALA B 231 12.48 -16.72 -3.08
CA ALA B 231 12.20 -15.50 -2.33
C ALA B 231 13.34 -14.50 -2.50
N PRO B 232 13.07 -13.17 -2.41
CA PRO B 232 14.18 -12.19 -2.49
C PRO B 232 15.09 -12.28 -1.27
N PRO B 233 16.35 -11.76 -1.31
CA PRO B 233 17.24 -11.90 -0.15
C PRO B 233 16.73 -11.50 1.22
N LEU B 234 16.03 -10.39 1.32
CA LEU B 234 15.67 -9.96 2.67
C LEU B 234 14.25 -10.27 3.09
N CYS B 235 13.68 -11.36 2.56
CA CYS B 235 12.28 -11.73 2.81
C CYS B 235 12.04 -12.05 4.29
N ASP B 236 10.83 -11.79 4.81
CA ASP B 236 10.44 -12.08 6.21
C ASP B 236 10.98 -11.12 7.26
N MET B 237 11.98 -10.30 6.90
CA MET B 237 12.54 -9.27 7.75
C MET B 237 11.53 -8.12 7.74
N HIS B 238 11.31 -7.45 8.90
CA HIS B 238 10.36 -6.33 8.95
C HIS B 238 10.76 -5.33 7.85
N PRO B 239 9.82 -4.83 7.05
CA PRO B 239 10.19 -3.94 5.94
C PRO B 239 11.09 -2.74 6.27
N MET B 240 10.93 -2.15 7.48
CA MET B 240 11.75 -1.02 7.96
C MET B 240 13.21 -1.44 8.18
N ARG B 241 13.43 -2.67 8.63
CA ARG B 241 14.77 -3.18 8.83
C ARG B 241 15.42 -3.46 7.44
N ALA B 242 14.68 -4.04 6.50
CA ALA B 242 15.18 -4.28 5.13
C ALA B 242 15.61 -2.94 4.50
N LEU B 243 14.80 -1.89 4.72
CA LEU B 243 15.08 -0.54 4.26
C LEU B 243 16.41 0.03 4.82
N PHE B 244 16.73 -0.25 6.10
CA PHE B 244 17.98 0.15 6.75
C PHE B 244 19.16 -0.67 6.19
N LEU B 245 18.95 -1.98 6.00
CA LEU B 245 20.00 -2.90 5.54
C LEU B 245 20.43 -2.79 4.07
N ILE B 246 19.48 -2.57 3.13
CA ILE B 246 19.82 -2.47 1.69
C ILE B 246 21.01 -1.56 1.36
N PRO B 247 21.07 -0.28 1.83
CA PRO B 247 22.23 0.58 1.49
C PRO B 247 23.50 0.21 2.25
N ARG B 248 23.36 -0.59 3.30
CA ARG B 248 24.47 -0.95 4.19
C ARG B 248 25.08 -2.30 3.92
N ASN B 249 24.26 -3.32 3.70
CA ASN B 249 24.70 -4.68 3.41
C ASN B 249 25.54 -4.75 2.13
N PRO B 250 26.44 -5.75 2.02
CA PRO B 250 27.15 -5.94 0.75
C PRO B 250 26.12 -6.34 -0.33
N PRO B 251 26.44 -6.29 -1.63
CA PRO B 251 25.45 -6.74 -2.63
C PRO B 251 24.98 -8.16 -2.31
N PRO B 252 23.67 -8.44 -2.38
CA PRO B 252 23.19 -9.82 -2.17
C PRO B 252 23.87 -10.80 -3.14
N ARG B 253 24.05 -12.03 -2.70
CA ARG B 253 24.72 -13.08 -3.48
C ARG B 253 23.91 -14.37 -3.33
N LEU B 254 23.90 -15.23 -4.36
CA LEU B 254 23.21 -16.54 -4.31
C LEU B 254 23.80 -17.38 -3.18
N LYS B 255 22.94 -18.00 -2.37
CA LYS B 255 23.35 -18.82 -1.23
C LYS B 255 24.05 -20.11 -1.66
N SER B 256 23.46 -20.84 -2.63
CA SER B 256 23.98 -22.13 -3.12
C SER B 256 25.21 -22.01 -3.99
N LYS B 257 26.10 -23.01 -3.88
CA LYS B 257 27.34 -23.11 -4.63
C LYS B 257 27.13 -23.81 -5.97
N LYS B 258 25.94 -24.42 -6.18
CA LYS B 258 25.57 -25.15 -7.40
C LYS B 258 25.55 -24.30 -8.68
N TRP B 259 25.30 -22.98 -8.56
CA TRP B 259 25.19 -22.08 -9.71
C TRP B 259 26.51 -21.86 -10.44
N SER B 260 26.43 -21.61 -11.74
CA SER B 260 27.60 -21.35 -12.56
C SER B 260 28.24 -19.98 -12.23
N LYS B 261 29.50 -19.84 -12.63
CA LYS B 261 30.28 -18.63 -12.44
C LYS B 261 29.64 -17.46 -13.21
N LYS B 262 29.12 -17.72 -14.41
CA LYS B 262 28.42 -16.73 -15.25
C LYS B 262 27.19 -16.16 -14.54
N PHE B 263 26.43 -17.00 -13.82
CA PHE B 263 25.24 -16.58 -13.06
C PHE B 263 25.66 -15.66 -11.89
N PHE B 264 26.69 -16.05 -11.09
CA PHE B 264 27.25 -15.23 -10.00
C PHE B 264 27.72 -13.89 -10.59
N SER B 265 28.36 -13.93 -11.78
CA SER B 265 28.85 -12.77 -12.51
C SER B 265 27.70 -11.83 -12.95
N PHE B 266 26.58 -12.43 -13.45
CA PHE B 266 25.40 -11.67 -13.85
C PHE B 266 24.82 -10.91 -12.65
N ILE B 267 24.71 -11.59 -11.49
CA ILE B 267 24.22 -10.99 -10.24
C ILE B 267 25.11 -9.83 -9.78
N GLU B 268 26.43 -9.99 -9.89
CA GLU B 268 27.38 -8.92 -9.55
C GLU B 268 27.17 -7.69 -10.43
N GLY B 269 26.76 -7.90 -11.68
CA GLY B 269 26.47 -6.83 -12.63
C GLY B 269 25.22 -6.05 -12.23
N CYS B 270 24.11 -6.76 -11.96
CA CYS B 270 22.84 -6.16 -11.54
C CYS B 270 23.00 -5.45 -10.19
N LEU B 271 23.69 -6.09 -9.27
CA LEU B 271 23.76 -5.65 -7.90
C LEU B 271 24.95 -4.80 -7.52
N VAL B 272 25.29 -3.83 -8.38
CA VAL B 272 26.33 -2.85 -8.03
C VAL B 272 25.51 -1.85 -7.21
N LYS B 273 25.87 -1.65 -5.96
CA LYS B 273 25.11 -0.77 -5.07
C LYS B 273 25.05 0.68 -5.54
N ASN B 274 26.18 1.21 -6.03
CA ASN B 274 26.24 2.57 -6.55
C ASN B 274 25.74 2.56 -7.98
N TYR B 275 24.51 3.11 -8.21
CA TYR B 275 23.89 3.14 -9.54
C TYR B 275 24.74 3.79 -10.60
N MET B 276 25.62 4.75 -10.22
CA MET B 276 26.51 5.44 -11.18
C MET B 276 27.50 4.45 -11.80
N GLN B 277 27.82 3.34 -11.09
CA GLN B 277 28.75 2.30 -11.54
C GLN B 277 28.05 1.04 -12.02
N ARG B 278 26.71 0.99 -11.88
CA ARG B 278 25.90 -0.15 -12.30
C ARG B 278 25.78 -0.13 -13.85
N PRO B 279 26.00 -1.29 -14.52
CA PRO B 279 25.88 -1.31 -15.99
C PRO B 279 24.46 -0.99 -16.47
N SER B 280 24.36 -0.46 -17.71
CA SER B 280 23.09 -0.14 -18.35
C SER B 280 22.42 -1.45 -18.79
N THR B 281 21.16 -1.35 -19.24
CA THR B 281 20.39 -2.49 -19.72
C THR B 281 21.07 -3.14 -20.94
N GLU B 282 21.62 -2.31 -21.83
CA GLU B 282 22.31 -2.73 -23.06
C GLU B 282 23.58 -3.50 -22.71
N GLN B 283 24.33 -3.05 -21.67
CA GLN B 283 25.54 -3.74 -21.19
C GLN B 283 25.18 -5.09 -20.57
N LEU B 284 24.08 -5.16 -19.82
CA LEU B 284 23.67 -6.40 -19.17
C LEU B 284 23.17 -7.39 -20.19
N LEU B 285 22.63 -6.89 -21.31
CA LEU B 285 22.17 -7.75 -22.41
C LEU B 285 23.35 -8.43 -23.10
N LYS B 286 24.55 -7.81 -23.03
CA LYS B 286 25.79 -8.37 -23.60
C LYS B 286 26.51 -9.30 -22.61
N HIS B 287 26.02 -9.40 -21.35
CA HIS B 287 26.66 -10.26 -20.34
C HIS B 287 26.57 -11.71 -20.82
N PRO B 288 27.68 -12.52 -20.70
CA PRO B 288 27.62 -13.92 -21.16
C PRO B 288 26.43 -14.75 -20.68
N PHE B 289 25.97 -14.55 -19.42
CA PHE B 289 24.83 -15.30 -18.87
C PHE B 289 23.53 -15.06 -19.68
N ILE B 290 23.37 -13.85 -20.22
CA ILE B 290 22.22 -13.41 -21.00
C ILE B 290 22.44 -13.64 -22.51
N ARG B 291 23.62 -13.23 -23.01
CA ARG B 291 23.98 -13.32 -24.41
C ARG B 291 24.16 -14.75 -24.94
N ASP B 292 24.73 -15.67 -24.13
CA ASP B 292 24.99 -17.04 -24.58
C ASP B 292 23.95 -18.04 -24.07
N GLN B 293 22.90 -18.28 -24.86
CA GLN B 293 21.82 -19.20 -24.50
C GLN B 293 21.59 -20.24 -25.62
N PRO B 294 22.45 -21.29 -25.72
CA PRO B 294 22.30 -22.28 -26.81
C PRO B 294 21.10 -23.22 -26.68
N ASN B 295 20.52 -23.32 -25.48
CA ASN B 295 19.37 -24.18 -25.20
C ASN B 295 18.04 -23.39 -25.14
N GLU B 296 18.03 -22.17 -25.73
CA GLU B 296 16.90 -21.22 -25.80
C GLU B 296 15.63 -21.84 -26.39
N ARG B 297 15.78 -22.68 -27.44
CA ARG B 297 14.65 -23.36 -28.10
C ARG B 297 14.05 -24.35 -27.12
N GLN B 298 14.91 -25.14 -26.45
CA GLN B 298 14.48 -26.14 -25.48
C GLN B 298 13.86 -25.57 -24.21
N VAL B 299 14.40 -24.43 -23.70
CA VAL B 299 13.88 -23.79 -22.48
C VAL B 299 12.40 -23.41 -22.65
N ARG B 300 12.05 -22.80 -23.80
CA ARG B 300 10.67 -22.43 -24.16
C ARG B 300 9.78 -23.67 -24.13
N ILE B 301 10.25 -24.79 -24.75
CA ILE B 301 9.55 -26.07 -24.79
C ILE B 301 9.35 -26.60 -23.38
N GLN B 302 10.43 -26.59 -22.56
CA GLN B 302 10.40 -27.03 -21.16
C GLN B 302 9.45 -26.20 -20.28
N LEU B 303 9.40 -24.86 -20.51
CA LEU B 303 8.53 -23.97 -19.76
C LEU B 303 7.07 -24.18 -20.18
N LYS B 304 6.85 -24.38 -21.51
CA LYS B 304 5.53 -24.64 -22.11
C LYS B 304 4.92 -25.95 -21.59
N ASP B 305 5.76 -26.95 -21.26
CA ASP B 305 5.31 -28.24 -20.72
C ASP B 305 4.94 -28.10 -19.25
N HIS B 306 5.72 -27.30 -18.49
CA HIS B 306 5.47 -27.00 -17.08
C HIS B 306 4.11 -26.26 -16.94
N ILE B 307 3.77 -25.38 -17.91
CA ILE B 307 2.52 -24.61 -17.96
C ILE B 307 1.31 -25.53 -18.16
N ASP B 308 1.37 -26.38 -19.22
CA ASP B 308 0.32 -27.33 -19.59
C ASP B 308 0.10 -28.43 -18.54
N ARG B 309 1.15 -28.77 -17.77
CA ARG B 309 1.03 -29.81 -16.75
C ARG B 309 0.44 -29.32 -15.42
N THR B 310 0.56 -27.99 -15.16
CA THR B 310 0.03 -27.36 -13.94
C THR B 310 -1.43 -26.91 -14.16
N ARG B 311 -1.85 -26.86 -15.45
CA ARG B 311 -3.19 -26.48 -15.91
C ARG B 311 -4.19 -27.67 -15.85
N LYS B 312 -4.07 -28.51 -14.79
CA LYS B 312 -4.91 -29.69 -14.54
C LYS B 312 -4.84 -30.14 -13.08
C4 3D8 C . -10.33 2.53 8.69
C6 3D8 C . -9.79 0.34 9.86
C11 3D8 C . -15.70 6.67 7.92
C8 3D8 C . -13.86 3.77 9.31
C9 3D8 C . -14.68 4.84 8.88
C10 3D8 C . -14.53 5.85 7.94
C12 3D8 C . -16.54 6.08 8.91
C3 3D8 C . -11.66 2.48 9.24
C1 3D8 C . -11.10 0.23 10.41
C2 3D8 C . -12.02 1.30 10.12
N5 3D8 C . -9.45 1.46 9.04
N7 3D8 C . -12.52 3.57 8.84
N13 3D8 C . -15.97 5.04 9.47
N14 3D8 C . -16.47 4.18 10.49
C15 3D8 C . -15.72 3.16 10.96
N16 3D8 C . -14.45 2.92 10.34
#